data_2W7N
#
_entry.id   2W7N
#
_cell.length_a   44.830
_cell.length_b   115.450
_cell.length_c   49.880
_cell.angle_alpha   90.00
_cell.angle_beta   114.00
_cell.angle_gamma   90.00
#
_symmetry.space_group_name_H-M   'P 1 21 1'
#
loop_
_entity.id
_entity.type
_entity.pdbx_description
1 polymer 'TRFB TRANSCRIPTIONAL REPRESSOR PROTEIN'
2 polymer "5'-D(*AP*AP*TP*GP*TP*TP*TP*AP*GP*CP *TP*AP*AP*AP*CP*AP*AP*G)-3'"
3 polymer "5'-D(*CP*BRUP*BRUP*GP*TP*TP*TP*AP*GP*CP*TP*AP *AP*AP*CP*AP*BRUP*T)-3'"
4 water water
#
loop_
_entity_poly.entity_id
_entity_poly.type
_entity_poly.pdbx_seq_one_letter_code
_entity_poly.pdbx_strand_id
1 'polypeptide(L)'
;MKKRLTESQFQEAIQGLEVGQQTIEIARGVLVDGKPQATFATSLGLTRGAVSQAVHRVWAAFEDKNLPEGYARVTAVLPE
HQAYIVRKWEADAKKKQETKR
;
A,B
2 'polydeoxyribonucleotide' (DA)(DA)(DT)(DG)(DT)(DT)(DT)(DA)(DG)(DC)(DT)(DA)(DA)(DA)(DC)(DA)(DA)(DG) E,G
3 'polydeoxyribonucleotide' (DC)(BRU)(BRU)(DG)(DT)(DT)(DT)(DA)(DG)(DC)(DT)(DA)(DA)(DA)(DC)(DA)(BRU)(DT) F,H
#
loop_
_chem_comp.id
_chem_comp.type
_chem_comp.name
_chem_comp.formula
BRU DNA linking 5-BROMO-2'-DEOXYURIDINE-5'-MONOPHOSPHATE 'C9 H12 Br N2 O8 P'
DA DNA linking 2'-DEOXYADENOSINE-5'-MONOPHOSPHATE 'C10 H14 N5 O6 P'
DC DNA linking 2'-DEOXYCYTIDINE-5'-MONOPHOSPHATE 'C9 H14 N3 O7 P'
DG DNA linking 2'-DEOXYGUANOSINE-5'-MONOPHOSPHATE 'C10 H14 N5 O7 P'
DT DNA linking THYMIDINE-5'-MONOPHOSPHATE 'C10 H15 N2 O8 P'
#
# COMPACT_ATOMS: atom_id res chain seq x y z
N LYS A 2 -0.31 16.18 -16.85
CA LYS A 2 -0.45 17.11 -15.69
C LYS A 2 -1.87 17.07 -15.11
N LYS A 3 -2.00 16.49 -13.92
CA LYS A 3 -3.25 16.47 -13.18
C LYS A 3 -3.50 17.84 -12.56
N ARG A 4 -4.76 18.28 -12.57
CA ARG A 4 -5.12 19.57 -12.01
C ARG A 4 -6.40 19.49 -11.19
N LEU A 5 -6.49 20.35 -10.18
CA LEU A 5 -7.68 20.48 -9.36
C LEU A 5 -8.12 21.94 -9.30
N THR A 6 -9.42 22.17 -9.26
CA THR A 6 -9.94 23.49 -8.89
C THR A 6 -9.72 23.67 -7.39
N GLU A 7 -9.84 24.92 -6.91
CA GLU A 7 -9.76 25.16 -5.47
C GLU A 7 -10.82 24.35 -4.72
N SER A 8 -12.03 24.26 -5.27
CA SER A 8 -13.11 23.49 -4.64
C SER A 8 -12.73 22.02 -4.48
N GLN A 9 -12.14 21.46 -5.53
CA GLN A 9 -11.70 20.06 -5.53
C GLN A 9 -10.54 19.83 -4.56
N PHE A 10 -9.63 20.81 -4.50
CA PHE A 10 -8.53 20.81 -3.55
C PHE A 10 -9.00 20.89 -2.09
N GLN A 11 -9.98 21.76 -1.83
CA GLN A 11 -10.59 21.83 -0.50
C GLN A 11 -11.16 20.47 -0.09
N GLU A 12 -11.84 19.80 -1.03
CA GLU A 12 -12.37 18.46 -0.77
C GLU A 12 -11.25 17.45 -0.49
N ALA A 13 -10.20 17.51 -1.31
CA ALA A 13 -9.07 16.60 -1.18
C ALA A 13 -8.43 16.65 0.21
N ILE A 14 -8.22 17.85 0.75
CA ILE A 14 -7.48 17.95 2.00
C ILE A 14 -8.37 18.00 3.24
N GLN A 15 -9.70 18.09 3.06
CA GLN A 15 -10.59 18.06 4.21
C GLN A 15 -10.46 16.72 4.93
N GLY A 16 -10.18 16.78 6.24
CA GLY A 16 -10.02 15.58 7.05
C GLY A 16 -8.69 14.87 6.87
N LEU A 17 -7.85 15.34 5.95
CA LEU A 17 -6.60 14.65 5.62
C LEU A 17 -5.54 15.05 6.62
N GLU A 18 -4.77 14.08 7.12
CA GLU A 18 -3.66 14.37 8.00
C GLU A 18 -2.51 14.77 7.07
N VAL A 19 -2.36 16.08 6.91
CA VAL A 19 -1.37 16.64 6.00
C VAL A 19 -0.81 17.92 6.63
N GLY A 20 0.50 18.11 6.51
CA GLY A 20 1.15 19.30 7.06
C GLY A 20 1.11 20.48 6.11
N GLN A 21 1.45 21.66 6.63
CA GLN A 21 1.43 22.89 5.84
C GLN A 21 2.29 22.84 4.57
N GLN A 22 3.48 22.27 4.66
CA GLN A 22 4.37 22.23 3.50
C GLN A 22 3.74 21.44 2.35
N THR A 23 3.25 20.25 2.67
CA THR A 23 2.57 19.43 1.68
C THR A 23 1.36 20.13 1.07
N ILE A 24 0.57 20.81 1.89
CA ILE A 24 -0.55 21.60 1.38
C ILE A 24 -0.08 22.65 0.36
N GLU A 25 0.97 23.37 0.73
CA GLU A 25 1.51 24.43 -0.12
C GLU A 25 2.05 23.89 -1.44
N ILE A 26 2.82 22.81 -1.39
CA ILE A 26 3.30 22.16 -2.62
C ILE A 26 2.16 21.72 -3.52
N ALA A 27 1.22 20.98 -2.94
CA ALA A 27 0.09 20.41 -3.66
C ALA A 27 -0.79 21.49 -4.26
N ARG A 28 -1.06 22.57 -3.51
CA ARG A 28 -1.85 23.66 -4.04
C ARG A 28 -1.12 24.33 -5.22
N GLY A 29 0.18 24.57 -5.05
CA GLY A 29 0.96 25.22 -6.09
C GLY A 29 0.98 24.43 -7.37
N VAL A 30 1.12 23.11 -7.27
CA VAL A 30 1.23 22.25 -8.43
C VAL A 30 -0.15 21.97 -9.03
N LEU A 31 -1.06 21.45 -8.21
CA LEU A 31 -2.35 20.96 -8.70
C LEU A 31 -3.32 22.08 -9.00
N VAL A 32 -3.40 23.09 -8.13
CA VAL A 32 -4.32 24.20 -8.36
C VAL A 32 -3.68 25.27 -9.24
N ASP A 33 -2.46 25.69 -8.91
CA ASP A 33 -1.83 26.82 -9.60
C ASP A 33 -1.02 26.43 -10.84
N GLY A 34 -0.75 25.14 -11.05
CA GLY A 34 -0.05 24.68 -12.26
C GLY A 34 1.45 24.90 -12.30
N LYS A 35 2.05 25.17 -11.14
CA LYS A 35 3.49 25.40 -11.06
C LYS A 35 4.25 24.08 -11.15
N PRO A 36 5.47 24.10 -11.72
CA PRO A 36 6.26 22.88 -11.75
C PRO A 36 6.63 22.39 -10.36
N GLN A 37 6.66 21.08 -10.17
CA GLN A 37 7.18 20.51 -8.92
C GLN A 37 8.62 20.99 -8.68
N ALA A 38 9.40 21.13 -9.74
CA ALA A 38 10.81 21.57 -9.65
C ALA A 38 11.00 22.85 -8.83
N THR A 39 10.04 23.78 -8.92
CA THR A 39 10.16 25.05 -8.20
C THR A 39 10.17 24.82 -6.69
N PHE A 40 9.35 23.88 -6.21
CA PHE A 40 9.32 23.55 -4.77
C PHE A 40 10.50 22.69 -4.32
N ALA A 41 10.94 21.77 -5.17
CA ALA A 41 12.16 21.04 -4.88
C ALA A 41 13.29 22.02 -4.61
N THR A 42 13.43 23.01 -5.49
CA THR A 42 14.47 24.03 -5.38
C THR A 42 14.33 24.86 -4.11
N SER A 43 13.17 25.49 -3.93
CA SER A 43 12.99 26.44 -2.84
C SER A 43 12.99 25.78 -1.46
N LEU A 44 12.54 24.54 -1.38
CA LEU A 44 12.42 23.86 -0.09
C LEU A 44 13.59 22.92 0.21
N GLY A 45 14.51 22.77 -0.72
CA GLY A 45 15.68 21.91 -0.52
C GLY A 45 15.34 20.43 -0.44
N LEU A 46 14.34 20.04 -1.21
CA LEU A 46 13.83 18.68 -1.21
C LEU A 46 14.27 17.95 -2.48
N THR A 47 14.31 16.63 -2.41
CA THR A 47 14.55 15.81 -3.60
C THR A 47 13.32 15.85 -4.49
N ARG A 48 13.51 15.58 -5.79
CA ARG A 48 12.36 15.56 -6.70
C ARG A 48 11.33 14.50 -6.29
N GLY A 49 11.82 13.36 -5.76
CA GLY A 49 10.95 12.30 -5.28
C GLY A 49 10.07 12.70 -4.11
N ALA A 50 10.62 13.49 -3.18
CA ALA A 50 9.84 14.01 -2.07
C ALA A 50 8.68 14.92 -2.53
N VAL A 51 8.96 15.78 -3.50
CA VAL A 51 7.92 16.70 -4.00
C VAL A 51 6.85 15.90 -4.78
N SER A 52 7.29 14.91 -5.55
CA SER A 52 6.38 14.03 -6.28
C SER A 52 5.42 13.31 -5.31
N GLN A 53 5.97 12.79 -4.22
CA GLN A 53 5.16 12.11 -3.21
C GLN A 53 4.15 13.05 -2.54
N ALA A 54 4.57 14.30 -2.31
CA ALA A 54 3.71 15.29 -1.67
C ALA A 54 2.50 15.57 -2.54
N VAL A 55 2.75 15.78 -3.83
CA VAL A 55 1.64 16.00 -4.77
C VAL A 55 0.74 14.76 -4.80
N HIS A 56 1.36 13.58 -4.82
CA HIS A 56 0.61 12.33 -4.86
C HIS A 56 -0.28 12.10 -3.61
N ARG A 57 0.20 12.47 -2.43
CA ARG A 57 -0.61 12.32 -1.22
C ARG A 57 -1.93 13.06 -1.35
N VAL A 58 -1.91 14.26 -1.90
CA VAL A 58 -3.14 15.05 -2.07
C VAL A 58 -3.98 14.54 -3.24
N TRP A 59 -3.34 14.21 -4.36
CA TRP A 59 -4.05 13.62 -5.50
C TRP A 59 -4.77 12.32 -5.13
N ALA A 60 -4.09 11.43 -4.41
CA ALA A 60 -4.66 10.16 -3.98
C ALA A 60 -5.90 10.39 -3.08
N ALA A 61 -5.82 11.42 -2.25
CA ALA A 61 -6.92 11.77 -1.34
C ALA A 61 -8.14 12.23 -2.13
N PHE A 62 -7.90 13.03 -3.16
CA PHE A 62 -8.95 13.48 -4.06
C PHE A 62 -9.60 12.28 -4.79
N GLU A 63 -8.75 11.37 -5.30
CA GLU A 63 -9.25 10.20 -6.00
C GLU A 63 -10.14 9.35 -5.10
N ASP A 64 -9.74 9.19 -3.83
CA ASP A 64 -10.51 8.37 -2.89
C ASP A 64 -11.89 8.95 -2.59
N LYS A 65 -12.02 10.27 -2.70
CA LYS A 65 -13.29 10.94 -2.47
C LYS A 65 -14.13 11.11 -3.75
N ASN A 66 -13.66 10.54 -4.86
CA ASN A 66 -14.32 10.73 -6.15
C ASN A 66 -14.42 9.45 -6.97
N LEU A 67 -14.64 8.33 -6.27
CA LEU A 67 -14.90 7.06 -6.92
C LEU A 67 -16.25 7.18 -7.64
N PRO A 68 -16.49 6.30 -8.63
CA PRO A 68 -17.79 6.38 -9.28
C PRO A 68 -18.96 6.23 -8.31
N GLU A 69 -20.05 6.92 -8.62
CA GLU A 69 -21.25 6.91 -7.80
C GLU A 69 -21.69 5.50 -7.41
N GLY A 70 -21.79 5.25 -6.10
CA GLY A 70 -22.21 3.97 -5.58
C GLY A 70 -21.14 2.88 -5.51
N TYR A 71 -19.97 3.10 -6.10
CA TYR A 71 -18.95 2.05 -6.13
C TYR A 71 -18.24 1.94 -4.79
N ALA A 72 -17.78 0.74 -4.46
CA ALA A 72 -17.05 0.46 -3.24
C ALA A 72 -15.68 -0.13 -3.58
N ARG A 73 -14.65 0.21 -2.80
CA ARG A 73 -13.40 -0.52 -2.86
C ARG A 73 -13.56 -1.79 -2.01
N VAL A 74 -13.12 -2.93 -2.55
CA VAL A 74 -13.12 -4.19 -1.80
C VAL A 74 -11.77 -4.85 -1.96
N THR A 75 -11.31 -5.49 -0.90
CA THR A 75 -10.12 -6.33 -0.95
C THR A 75 -10.49 -7.70 -0.37
N ALA A 76 -10.05 -8.76 -1.03
CA ALA A 76 -10.42 -10.11 -0.63
C ALA A 76 -9.40 -11.10 -1.15
N VAL A 77 -9.20 -12.18 -0.38
CA VAL A 77 -8.44 -13.33 -0.86
C VAL A 77 -9.44 -14.29 -1.50
N LEU A 78 -9.24 -14.58 -2.78
CA LEU A 78 -10.19 -15.35 -3.57
C LEU A 78 -9.50 -16.49 -4.31
N PRO A 79 -10.24 -17.59 -4.53
CA PRO A 79 -9.76 -18.63 -5.42
C PRO A 79 -9.57 -18.10 -6.84
N GLU A 80 -8.74 -18.81 -7.59
CA GLU A 80 -8.36 -18.44 -8.95
C GLU A 80 -9.50 -17.94 -9.83
N HIS A 81 -10.57 -18.72 -9.96
CA HIS A 81 -11.64 -18.38 -10.90
C HIS A 81 -12.42 -17.13 -10.49
N GLN A 82 -12.57 -16.91 -9.19
CA GLN A 82 -13.24 -15.68 -8.71
C GLN A 82 -12.34 -14.46 -8.86
N ALA A 83 -11.05 -14.63 -8.56
CA ALA A 83 -10.08 -13.56 -8.75
C ALA A 83 -10.08 -13.12 -10.22
N TYR A 84 -10.15 -14.10 -11.12
CA TYR A 84 -10.20 -13.84 -12.56
C TYR A 84 -11.42 -12.99 -12.93
N ILE A 85 -12.57 -13.35 -12.36
CA ILE A 85 -13.82 -12.62 -12.65
C ILE A 85 -13.73 -11.17 -12.21
N VAL A 86 -13.20 -10.93 -11.02
CA VAL A 86 -13.04 -9.58 -10.50
C VAL A 86 -12.11 -8.75 -11.40
N ARG A 87 -10.95 -9.31 -11.74
CA ARG A 87 -10.02 -8.63 -12.63
C ARG A 87 -10.63 -8.35 -14.00
N LYS A 88 -11.50 -9.24 -14.47
CA LYS A 88 -12.16 -9.04 -15.76
C LYS A 88 -13.26 -7.98 -15.69
N TRP A 89 -13.99 -7.92 -14.57
CA TRP A 89 -14.93 -6.81 -14.35
C TRP A 89 -14.17 -5.48 -14.48
N GLU A 90 -13.01 -5.40 -13.82
CA GLU A 90 -12.16 -4.21 -13.89
C GLU A 90 -11.65 -3.93 -15.30
N ALA A 91 -11.13 -4.97 -15.94
CA ALA A 91 -10.57 -4.86 -17.29
C ALA A 91 -11.64 -4.40 -18.28
N ASP A 92 -12.82 -5.02 -18.22
CA ASP A 92 -13.94 -4.65 -19.10
C ASP A 92 -14.48 -3.24 -18.80
N ALA A 93 -14.45 -2.84 -17.54
CA ALA A 93 -14.84 -1.47 -17.17
C ALA A 93 -13.86 -0.45 -17.76
N LYS A 94 -12.57 -0.78 -17.70
CA LYS A 94 -11.54 0.06 -18.32
C LYS A 94 -11.80 0.23 -19.82
N LYS A 95 -11.82 -0.89 -20.55
CA LYS A 95 -12.18 -0.90 -21.97
C LYS A 95 -12.41 -2.34 -22.44
N LYS B 3 4.87 -14.18 16.13
CA LYS B 3 4.95 -14.91 14.84
C LYS B 3 6.34 -15.52 14.66
N ARG B 4 6.40 -16.80 14.27
CA ARG B 4 7.67 -17.49 14.06
C ARG B 4 7.69 -18.28 12.74
N LEU B 5 8.89 -18.43 12.18
CA LEU B 5 9.09 -19.14 10.93
C LEU B 5 10.27 -20.11 11.06
N THR B 6 10.20 -21.20 10.33
CA THR B 6 11.39 -22.03 10.10
C THR B 6 12.24 -21.34 9.06
N GLU B 7 13.51 -21.73 8.96
CA GLU B 7 14.39 -21.16 7.93
C GLU B 7 13.82 -21.43 6.54
N SER B 8 13.19 -22.59 6.34
CA SER B 8 12.55 -22.92 5.07
C SER B 8 11.42 -21.93 4.73
N GLN B 9 10.54 -21.70 5.70
CA GLN B 9 9.45 -20.74 5.52
C GLN B 9 9.99 -19.34 5.27
N PHE B 10 11.08 -19.01 5.96
CA PHE B 10 11.76 -17.73 5.78
C PHE B 10 12.27 -17.56 4.35
N GLN B 11 12.92 -18.58 3.81
CA GLN B 11 13.39 -18.52 2.43
C GLN B 11 12.23 -18.43 1.44
N GLU B 12 11.14 -19.16 1.71
CA GLU B 12 9.90 -19.02 0.91
C GLU B 12 9.43 -17.56 0.95
N ALA B 13 9.39 -17.01 2.16
CA ALA B 13 8.94 -15.65 2.38
C ALA B 13 9.65 -14.64 1.48
N ILE B 14 10.97 -14.77 1.38
CA ILE B 14 11.78 -13.77 0.66
C ILE B 14 12.01 -14.09 -0.81
N GLN B 15 11.50 -15.22 -1.27
CA GLN B 15 11.66 -15.62 -2.67
C GLN B 15 10.95 -14.62 -3.57
N GLY B 16 11.69 -14.08 -4.54
CA GLY B 16 11.15 -13.08 -5.46
C GLY B 16 10.95 -11.71 -4.84
N LEU B 17 11.30 -11.58 -3.57
CA LEU B 17 11.20 -10.31 -2.83
C LEU B 17 12.47 -9.50 -3.01
N GLU B 18 12.33 -8.20 -3.31
CA GLU B 18 13.47 -7.32 -3.33
C GLU B 18 13.73 -6.94 -1.88
N VAL B 19 14.79 -7.52 -1.30
CA VAL B 19 15.10 -7.34 0.11
C VAL B 19 16.62 -7.44 0.29
N GLY B 20 17.19 -6.51 1.06
CA GLY B 20 18.62 -6.46 1.31
C GLY B 20 19.01 -7.31 2.50
N GLN B 21 20.30 -7.55 2.62
CA GLN B 21 20.82 -8.42 3.72
C GLN B 21 20.53 -7.91 5.12
N GLN B 22 20.51 -6.60 5.33
CA GLN B 22 20.26 -6.10 6.70
C GLN B 22 18.85 -6.46 7.14
N THR B 23 17.88 -6.29 6.24
CA THR B 23 16.49 -6.65 6.52
C THR B 23 16.36 -8.17 6.72
N ILE B 24 17.04 -8.95 5.88
CA ILE B 24 17.11 -10.42 6.04
C ILE B 24 17.65 -10.79 7.43
N GLU B 25 18.76 -10.18 7.82
CA GLU B 25 19.38 -10.41 9.15
C GLU B 25 18.42 -10.11 10.29
N ILE B 26 17.75 -8.96 10.22
CA ILE B 26 16.80 -8.57 11.26
C ILE B 26 15.62 -9.54 11.31
N ALA B 27 15.02 -9.78 10.14
CA ALA B 27 13.83 -10.64 10.04
C ALA B 27 14.12 -12.08 10.46
N ARG B 28 15.28 -12.61 10.07
CA ARG B 28 15.69 -13.96 10.52
C ARG B 28 15.85 -13.99 12.02
N GLY B 29 16.58 -13.02 12.55
CA GLY B 29 16.79 -12.90 13.99
C GLY B 29 15.51 -12.96 14.80
N VAL B 30 14.51 -12.20 14.36
CA VAL B 30 13.25 -12.09 15.07
C VAL B 30 12.28 -13.23 14.78
N LEU B 31 12.01 -13.48 13.50
CA LEU B 31 11.00 -14.49 13.12
C LEU B 31 11.51 -15.93 13.24
N VAL B 32 12.76 -16.17 12.85
CA VAL B 32 13.33 -17.51 12.92
C VAL B 32 13.95 -17.77 14.30
N ASP B 33 14.83 -16.89 14.76
CA ASP B 33 15.60 -17.17 15.98
C ASP B 33 14.93 -16.66 17.26
N GLY B 34 13.84 -15.92 17.13
CA GLY B 34 13.07 -15.49 18.29
C GLY B 34 13.69 -14.37 19.12
N LYS B 35 14.65 -13.64 18.55
CA LYS B 35 15.34 -12.58 19.27
C LYS B 35 14.46 -11.33 19.31
N PRO B 36 14.57 -10.51 20.38
CA PRO B 36 13.82 -9.27 20.41
C PRO B 36 14.27 -8.32 19.30
N GLN B 37 13.32 -7.54 18.79
CA GLN B 37 13.63 -6.48 17.86
C GLN B 37 14.66 -5.50 18.44
N ALA B 38 14.56 -5.27 19.75
CA ALA B 38 15.44 -4.34 20.48
C ALA B 38 16.93 -4.64 20.28
N THR B 39 17.27 -5.92 20.16
CA THR B 39 18.65 -6.36 19.99
C THR B 39 19.22 -5.78 18.69
N PHE B 40 18.39 -5.74 17.67
CA PHE B 40 18.79 -5.22 16.37
C PHE B 40 18.77 -3.71 16.28
N ALA B 41 17.85 -3.05 16.98
CA ALA B 41 17.84 -1.60 17.03
C ALA B 41 19.16 -1.12 17.62
N THR B 42 19.61 -1.77 18.70
CA THR B 42 20.89 -1.45 19.34
C THR B 42 22.10 -1.80 18.48
N SER B 43 22.16 -3.04 18.00
CA SER B 43 23.33 -3.50 17.27
C SER B 43 23.54 -2.77 15.92
N LEU B 44 22.44 -2.34 15.29
CA LEU B 44 22.51 -1.73 13.96
C LEU B 44 22.36 -0.21 13.98
N GLY B 45 22.11 0.36 15.15
CA GLY B 45 21.94 1.81 15.28
C GLY B 45 20.68 2.31 14.56
N LEU B 46 19.60 1.55 14.68
CA LEU B 46 18.34 1.90 14.01
C LEU B 46 17.28 2.27 15.05
N THR B 47 16.30 3.05 14.63
CA THR B 47 15.13 3.31 15.47
C THR B 47 14.27 2.06 15.60
N ARG B 48 13.50 2.01 16.69
CA ARG B 48 12.59 0.89 16.90
C ARG B 48 11.63 0.72 15.72
N GLY B 49 11.15 1.83 15.17
CA GLY B 49 10.19 1.79 14.08
C GLY B 49 10.81 1.23 12.81
N ALA B 50 12.08 1.53 12.56
CA ALA B 50 12.79 0.92 11.43
C ALA B 50 12.87 -0.60 11.58
N VAL B 51 13.16 -1.09 12.79
CA VAL B 51 13.30 -2.54 13.00
C VAL B 51 11.92 -3.22 12.88
N SER B 52 10.89 -2.57 13.42
CA SER B 52 9.52 -3.09 13.31
C SER B 52 9.09 -3.22 11.85
N GLN B 53 9.39 -2.20 11.05
CA GLN B 53 9.08 -2.24 9.62
C GLN B 53 9.84 -3.35 8.89
N ALA B 54 11.11 -3.56 9.25
CA ALA B 54 11.93 -4.60 8.63
C ALA B 54 11.29 -5.97 8.82
N VAL B 55 10.81 -6.22 10.03
CA VAL B 55 10.17 -7.48 10.34
C VAL B 55 8.86 -7.58 9.56
N HIS B 56 8.13 -6.47 9.52
CA HIS B 56 6.86 -6.41 8.79
C HIS B 56 7.00 -6.72 7.31
N ARG B 57 8.05 -6.19 6.68
CA ARG B 57 8.25 -6.39 5.23
C ARG B 57 8.37 -7.88 4.88
N VAL B 58 9.09 -8.65 5.69
CA VAL B 58 9.26 -10.07 5.45
C VAL B 58 8.01 -10.87 5.88
N TRP B 59 7.39 -10.49 7.00
CA TRP B 59 6.17 -11.16 7.45
C TRP B 59 5.03 -11.01 6.43
N ALA B 60 4.85 -9.81 5.92
CA ALA B 60 3.85 -9.55 4.91
C ALA B 60 4.11 -10.40 3.66
N ALA B 61 5.37 -10.55 3.29
CA ALA B 61 5.74 -11.36 2.14
C ALA B 61 5.41 -12.83 2.42
N PHE B 62 5.67 -13.29 3.64
CA PHE B 62 5.32 -14.65 4.00
C PHE B 62 3.82 -14.91 3.92
N GLU B 63 3.04 -13.96 4.45
CA GLU B 63 1.59 -14.08 4.43
C GLU B 63 1.06 -14.25 3.00
N ASP B 64 1.63 -13.52 2.05
CA ASP B 64 1.22 -13.68 0.64
C ASP B 64 1.62 -15.06 0.08
N LYS B 65 2.85 -15.48 0.35
CA LYS B 65 3.33 -16.78 -0.13
C LYS B 65 2.56 -17.96 0.47
N ASN B 66 2.03 -17.77 1.68
CA ASN B 66 1.41 -18.84 2.44
C ASN B 66 -0.10 -18.93 2.23
N LEU B 67 -0.63 -18.16 1.30
CA LEU B 67 -2.04 -18.32 0.93
C LEU B 67 -2.21 -19.68 0.27
N PRO B 68 -3.43 -20.25 0.32
CA PRO B 68 -3.66 -21.54 -0.33
C PRO B 68 -3.33 -21.50 -1.81
N GLU B 69 -2.87 -22.63 -2.35
CA GLU B 69 -2.52 -22.73 -3.75
C GLU B 69 -3.67 -22.27 -4.63
N GLY B 70 -3.37 -21.37 -5.56
CA GLY B 70 -4.37 -20.85 -6.48
C GLY B 70 -5.08 -19.61 -5.98
N TYR B 71 -4.99 -19.30 -4.69
CA TYR B 71 -5.68 -18.13 -4.13
C TYR B 71 -4.82 -16.88 -4.34
N ALA B 72 -5.47 -15.73 -4.36
CA ALA B 72 -4.77 -14.46 -4.52
C ALA B 72 -5.54 -13.34 -3.84
N ARG B 73 -4.80 -12.37 -3.31
CA ARG B 73 -5.42 -11.17 -2.76
C ARG B 73 -5.66 -10.21 -3.90
N VAL B 74 -6.93 -9.83 -4.08
CA VAL B 74 -7.34 -8.89 -5.12
C VAL B 74 -7.97 -7.67 -4.45
N THR B 75 -7.72 -6.49 -5.03
CA THR B 75 -8.40 -5.26 -4.66
C THR B 75 -9.01 -4.64 -5.91
N ALA B 76 -10.25 -4.20 -5.79
CA ALA B 76 -10.95 -3.57 -6.92
C ALA B 76 -11.96 -2.53 -6.45
N VAL B 77 -12.29 -1.62 -7.34
CA VAL B 77 -13.36 -0.66 -7.14
C VAL B 77 -14.48 -1.07 -8.07
N LEU B 78 -15.62 -1.45 -7.48
CA LEU B 78 -16.71 -2.10 -8.19
C LEU B 78 -18.05 -1.49 -7.82
N PRO B 79 -19.05 -1.65 -8.70
CA PRO B 79 -20.41 -1.35 -8.29
C PRO B 79 -20.74 -2.08 -6.99
N GLU B 80 -21.57 -1.49 -6.14
CA GLU B 80 -21.91 -2.06 -4.83
C GLU B 80 -22.35 -3.53 -4.91
N HIS B 81 -23.20 -3.86 -5.86
CA HIS B 81 -23.72 -5.23 -5.94
C HIS B 81 -22.59 -6.22 -6.23
N GLN B 82 -21.63 -5.82 -7.06
CA GLN B 82 -20.49 -6.70 -7.32
C GLN B 82 -19.53 -6.78 -6.14
N ALA B 83 -19.34 -5.66 -5.42
CA ALA B 83 -18.61 -5.68 -4.14
C ALA B 83 -19.28 -6.63 -3.13
N TYR B 84 -20.62 -6.65 -3.13
CA TYR B 84 -21.40 -7.59 -2.31
C TYR B 84 -21.11 -9.06 -2.65
N ILE B 85 -21.14 -9.36 -3.94
CA ILE B 85 -20.79 -10.69 -4.42
C ILE B 85 -19.38 -11.12 -3.96
N VAL B 86 -18.43 -10.20 -4.06
CA VAL B 86 -17.05 -10.47 -3.63
C VAL B 86 -16.97 -10.71 -2.12
N ARG B 87 -17.67 -9.88 -1.35
CA ARG B 87 -17.73 -10.08 0.11
C ARG B 87 -18.27 -11.47 0.48
N LYS B 88 -19.29 -11.93 -0.26
CA LYS B 88 -19.84 -13.28 -0.05
C LYS B 88 -18.83 -14.37 -0.42
N TRP B 89 -18.18 -14.21 -1.57
CA TRP B 89 -17.13 -15.14 -1.99
C TRP B 89 -16.02 -15.23 -0.96
N GLU B 90 -15.67 -14.09 -0.37
CA GLU B 90 -14.62 -14.01 0.63
C GLU B 90 -14.99 -14.87 1.85
N ALA B 91 -16.25 -14.80 2.26
CA ALA B 91 -16.75 -15.66 3.35
C ALA B 91 -16.74 -17.15 2.93
N ASP B 92 -17.16 -17.43 1.69
CA ASP B 92 -17.17 -18.81 1.19
C ASP B 92 -15.77 -19.43 1.25
N ALA B 93 -14.78 -18.63 0.88
CA ALA B 93 -13.38 -19.06 0.89
C ALA B 93 -12.87 -19.28 2.31
N LYS B 94 -13.21 -18.37 3.22
CA LYS B 94 -12.82 -18.52 4.62
C LYS B 94 -13.44 -19.77 5.24
N LYS B 95 -14.71 -20.02 4.92
CA LYS B 95 -15.42 -21.20 5.39
C LYS B 95 -14.76 -22.48 4.89
N LYS B 96 -14.33 -22.49 3.63
CA LYS B 96 -13.65 -23.63 3.05
C LYS B 96 -12.28 -23.84 3.71
N GLN B 97 -11.55 -22.76 3.97
CA GLN B 97 -10.25 -22.83 4.62
C GLN B 97 -10.41 -22.73 6.14
N1 BRU D 2 15.55 16.99 -17.61
C2 BRU D 2 14.69 15.97 -18.07
N3 BRU D 2 15.18 14.66 -18.19
C4 BRU D 2 16.52 14.37 -17.86
C5 BRU D 2 17.36 15.39 -17.41
C6 BRU D 2 16.88 16.69 -17.30
O2 BRU D 2 13.53 16.22 -18.38
O4 BRU D 2 16.95 13.22 -17.97
BR BRU D 2 19.16 14.99 -16.97
C1' BRU D 2 15.04 18.38 -17.50
C2' BRU D 2 15.38 18.96 -16.12
C3' BRU D 2 15.60 20.42 -16.44
C4' BRU D 2 16.24 20.39 -17.83
O3' BRU D 2 14.34 21.09 -16.52
O4' BRU D 2 15.76 19.18 -18.48
C5' BRU D 2 17.76 20.32 -17.69
O5' BRU D 2 18.37 21.50 -18.19
P BRU D 2 19.98 21.59 -18.30
OP1 BRU D 2 20.37 22.70 -19.19
OP2 BRU D 2 20.55 21.48 -16.94
N1 BRU D 3 12.36 16.23 -14.75
C2 BRU D 3 12.18 14.97 -15.36
N3 BRU D 3 13.24 14.08 -15.44
C4 BRU D 3 14.51 14.43 -14.92
C5 BRU D 3 14.69 15.67 -14.31
C6 BRU D 3 13.63 16.57 -14.25
O2 BRU D 3 11.08 14.67 -15.83
O4 BRU D 3 15.43 13.61 -15.01
BR BRU D 3 16.40 16.14 -13.61
C1' BRU D 3 11.21 17.17 -14.71
C2' BRU D 3 11.07 18.14 -13.56
C3' BRU D 3 10.35 19.32 -14.23
C4' BRU D 3 10.79 19.26 -15.69
O3' BRU D 3 8.93 19.16 -14.17
O4' BRU D 3 11.53 18.02 -15.84
C5' BRU D 3 11.75 20.42 -15.95
O5' BRU D 3 12.74 20.49 -14.90
P BRU D 3 13.95 21.54 -15.04
OP1 BRU D 3 13.42 22.88 -15.31
OP2 BRU D 3 14.91 21.33 -13.93
N1 BRU D 17 1.88 -1.48 25.64
C2 BRU D 17 3.26 -1.40 25.96
N3 BRU D 17 3.77 -0.20 26.50
C4 BRU D 17 2.92 0.89 26.72
C5 BRU D 17 1.55 0.80 26.40
C6 BRU D 17 1.05 -0.38 25.87
O2 BRU D 17 4.00 -2.35 25.75
O4 BRU D 17 3.36 1.94 27.19
BR BRU D 17 0.40 2.27 26.70
C1' BRU D 17 1.33 -2.73 25.07
C2' BRU D 17 0.23 -3.26 26.00
C3' BRU D 17 -0.88 -3.71 25.04
C4' BRU D 17 -0.22 -3.60 23.67
O3' BRU D 17 -1.23 -5.08 25.31
O4' BRU D 17 0.66 -2.47 23.82
C5' BRU D 17 -1.27 -3.31 22.58
O5' BRU D 17 -2.22 -2.35 23.03
P BRU D 17 -3.53 -2.01 22.17
OP1 BRU D 17 -4.02 -3.23 21.49
OP2 BRU D 17 -4.45 -1.20 22.99
N1 BRU F 2 9.70 -0.01 27.74
C2 BRU F 2 8.36 -0.36 27.52
N3 BRU F 2 7.39 0.64 27.39
C4 BRU F 2 7.76 1.99 27.47
C5 BRU F 2 9.09 2.34 27.69
C6 BRU F 2 10.05 1.34 27.82
O2 BRU F 2 8.03 -1.55 27.45
O4 BRU F 2 6.90 2.87 27.34
BR BRU F 2 9.64 4.16 27.79
C1' BRU F 2 10.75 -1.04 27.91
C2' BRU F 2 11.98 -0.74 27.07
C3' BRU F 2 13.07 -1.44 27.85
C4' BRU F 2 12.57 -1.44 29.29
O3' BRU F 2 13.17 -2.80 27.41
O4' BRU F 2 11.22 -0.91 29.25
C5' BRU F 2 13.45 -0.52 30.16
O5' BRU F 2 13.40 0.84 29.72
P BRU F 2 14.67 1.81 29.97
OP1 BRU F 2 15.90 1.13 29.49
OP2 BRU F 2 14.36 3.18 29.51
N1 BRU F 3 8.51 -1.72 23.98
C2 BRU F 3 7.17 -1.33 23.92
N3 BRU F 3 6.85 0.03 24.00
C4 BRU F 3 7.87 0.99 24.13
C5 BRU F 3 9.21 0.59 24.20
C6 BRU F 3 9.54 -0.77 24.12
O2 BRU F 3 6.28 -2.16 23.80
O4 BRU F 3 7.59 2.19 24.20
BR BRU F 3 10.59 1.87 24.38
C1' BRU F 3 8.86 -3.17 23.90
C2' BRU F 3 9.75 -3.45 22.69
C3' BRU F 3 10.45 -4.73 23.12
C4' BRU F 3 10.23 -4.80 24.64
O3' BRU F 3 9.82 -5.84 22.51
O4' BRU F 3 9.69 -3.52 25.01
C5' BRU F 3 11.59 -4.96 25.31
O5' BRU F 3 12.42 -3.84 25.01
P BRU F 3 13.60 -3.42 26.02
OP1 BRU F 3 14.00 -4.58 26.84
OP2 BRU F 3 14.62 -2.64 25.27
N1 BRU F 17 10.11 11.05 -19.55
C2 BRU F 17 10.93 12.12 -19.16
N3 BRU F 17 12.32 11.97 -19.19
C4 BRU F 17 12.89 10.73 -19.57
C5 BRU F 17 12.07 9.67 -19.95
C6 BRU F 17 10.69 9.82 -19.93
O2 BRU F 17 10.43 13.21 -18.83
O4 BRU F 17 14.11 10.59 -19.58
BR BRU F 17 12.85 8.03 -20.47
C1' BRU F 17 8.63 11.21 -19.53
C2' BRU F 17 7.99 10.68 -20.80
C3' BRU F 17 6.61 10.23 -20.33
C4' BRU F 17 6.79 9.95 -18.84
O3' BRU F 17 5.66 11.29 -20.50
O4' BRU F 17 8.14 10.35 -18.47
C5' BRU F 17 6.69 8.44 -18.66
O5' BRU F 17 7.78 7.78 -19.33
P BRU F 17 7.68 6.20 -19.67
OP1 BRU F 17 6.28 5.72 -19.47
OP2 BRU F 17 8.37 5.93 -20.95
#